data_3ONA
#
_entry.id   3ONA
#
_cell.length_a   71.330
_cell.length_b   71.330
_cell.length_c   93.141
_cell.angle_alpha   90.00
_cell.angle_beta   90.00
_cell.angle_gamma   120.00
#
_symmetry.space_group_name_H-M   'P 32 2 1'
#
loop_
_entity.id
_entity.type
_entity.pdbx_description
1 polymer 'Tumour necrosis factor receptor'
2 polymer 'CX3CL1 protein'
3 water water
#
loop_
_entity_poly.entity_id
_entity_poly.type
_entity_poly.pdbx_seq_one_letter_code
_entity_poly.pdbx_strand_id
1 'polypeptide(L)'
;GAMGSFNSIDVEINMYPVNKTSCNSSIGSSSTISTSELTITLTHEDCTPVFIGDYYSVVDKLATSGFFTNDKVHQDLTTQ
CKINLEIKCNSGRESRQLTPTTKVYLMPHSETVTVVGDCLSNLDVYIVYANTDAIYSDMDVVAYHTSYILNVDHIPPNDC
ERD
;
A
2 'polypeptide(L)' GAMGQHHGVTKCNITCSKMTSKIPVALLIHYQQNQASCGKRAIILETRQHRLFCADPKEQWVKDAMQHLDRQAAALTRNG B
#
# COMPACT_ATOMS: atom_id res chain seq x y z
N GLY A 4 -9.20 19.36 10.55
CA GLY A 4 -8.60 19.11 9.24
C GLY A 4 -7.21 18.46 9.15
N SER A 5 -6.67 17.98 10.26
CA SER A 5 -5.34 17.37 10.20
C SER A 5 -5.32 15.90 9.73
N PHE A 6 -4.13 15.40 9.44
CA PHE A 6 -3.94 13.97 9.22
C PHE A 6 -2.57 13.53 9.72
N ASN A 7 -2.36 12.22 9.84
CA ASN A 7 -1.11 11.72 10.40
C ASN A 7 -0.55 10.53 9.64
N SER A 8 -1.20 10.20 8.55
CA SER A 8 -0.87 8.98 7.85
C SER A 8 -1.19 9.13 6.36
N ILE A 9 -0.27 8.66 5.53
CA ILE A 9 -0.46 8.65 4.08
C ILE A 9 -0.20 7.26 3.53
N ASP A 10 -1.02 6.86 2.57
CA ASP A 10 -0.86 5.59 1.91
C ASP A 10 -0.98 5.83 0.43
N VAL A 11 -0.17 5.14 -0.33
CA VAL A 11 -0.30 5.19 -1.77
C VAL A 11 -0.49 3.78 -2.26
N GLU A 12 -1.58 3.55 -2.99
CA GLU A 12 -1.86 2.25 -3.54
C GLU A 12 -1.92 2.33 -5.07
N ILE A 13 -1.05 1.57 -5.74
CA ILE A 13 -1.07 1.49 -7.20
C ILE A 13 -1.39 0.07 -7.71
N ASN A 14 -2.52 -0.07 -8.40
CA ASN A 14 -2.84 -1.36 -9.01
C ASN A 14 -2.71 -1.31 -10.53
N MET A 15 -2.17 -2.39 -11.08
CA MET A 15 -1.75 -2.41 -12.48
C MET A 15 -2.07 -3.69 -13.23
N TYR A 16 -2.36 -3.55 -14.52
CA TYR A 16 -2.60 -4.68 -15.40
C TYR A 16 -2.39 -4.33 -16.87
N PRO A 17 -1.71 -5.22 -17.61
CA PRO A 17 -1.17 -6.47 -17.04
C PRO A 17 0.34 -6.40 -16.89
N VAL A 18 0.91 -7.08 -15.90
CA VAL A 18 2.36 -7.04 -15.65
C VAL A 18 2.99 -8.43 -15.68
N ASN A 19 4.25 -8.48 -16.09
CA ASN A 19 4.91 -9.76 -16.35
C ASN A 19 6.08 -10.11 -15.44
N LYS A 20 6.65 -9.09 -14.80
CA LYS A 20 7.84 -9.30 -13.99
C LYS A 20 7.46 -9.33 -12.53
N THR A 21 8.14 -10.16 -11.73
CA THR A 21 7.76 -10.29 -10.32
C THR A 21 8.86 -9.93 -9.35
N SER A 22 10.09 -10.31 -9.68
CA SER A 22 11.22 -9.83 -8.89
C SER A 22 11.19 -8.30 -8.89
N CYS A 23 11.52 -7.71 -7.76
CA CYS A 23 11.31 -6.30 -7.61
C CYS A 23 12.36 -5.70 -6.67
N ASN A 24 12.67 -4.43 -6.90
CA ASN A 24 13.63 -3.73 -6.06
C ASN A 24 13.04 -2.41 -5.60
N SER A 25 13.26 -2.08 -4.34
CA SER A 25 12.58 -0.96 -3.74
C SER A 25 13.52 -0.12 -2.87
N SER A 26 13.10 1.09 -2.61
CA SER A 26 13.90 2.01 -1.84
C SER A 26 13.04 3.12 -1.31
N ILE A 27 13.28 3.52 -0.07
CA ILE A 27 12.61 4.67 0.50
C ILE A 27 13.66 5.69 0.81
N GLY A 28 13.55 6.86 0.22
CA GLY A 28 14.52 7.88 0.50
C GLY A 28 14.00 9.20 0.02
N SER A 29 14.90 10.10 -0.32
CA SER A 29 14.48 11.40 -0.81
C SER A 29 13.75 11.15 -2.10
N SER A 30 14.30 10.25 -2.89
CA SER A 30 13.59 9.70 -4.02
C SER A 30 13.16 8.25 -3.73
N SER A 31 11.87 7.99 -3.65
CA SER A 31 11.39 6.64 -3.33
C SER A 31 10.89 5.88 -4.55
N THR A 32 11.38 4.66 -4.70
CA THR A 32 11.12 3.90 -5.92
C THR A 32 10.81 2.42 -5.71
N ILE A 33 9.97 1.91 -6.60
CA ILE A 33 9.71 0.49 -6.72
C ILE A 33 10.01 0.16 -8.18
N SER A 34 10.91 -0.81 -8.40
CA SER A 34 11.39 -1.11 -9.74
C SER A 34 11.37 -2.60 -10.07
N THR A 35 10.79 -2.93 -11.20
CA THR A 35 11.13 -4.18 -11.86
C THR A 35 11.81 -3.81 -13.16
N SER A 36 12.01 -4.81 -14.01
CA SER A 36 12.72 -4.62 -15.25
C SER A 36 11.78 -4.10 -16.32
N GLU A 37 10.54 -3.90 -15.95
CA GLU A 37 9.50 -3.60 -16.93
C GLU A 37 8.80 -2.31 -16.53
N LEU A 38 9.00 -1.94 -15.27
CA LEU A 38 8.29 -0.85 -14.64
C LEU A 38 9.11 -0.10 -13.61
N THR A 39 8.88 1.20 -13.54
CA THR A 39 9.45 1.99 -12.46
C THR A 39 8.43 2.95 -11.90
N ILE A 40 8.24 2.86 -10.59
CA ILE A 40 7.36 3.76 -9.88
C ILE A 40 8.19 4.59 -8.95
N THR A 41 7.93 5.89 -8.97
CA THR A 41 8.76 6.82 -8.25
C THR A 41 7.88 7.76 -7.46
N LEU A 42 8.25 7.98 -6.23
CA LEU A 42 7.49 8.84 -5.38
C LEU A 42 8.35 9.97 -4.79
N THR A 43 7.95 11.19 -5.05
CA THR A 43 8.54 12.30 -4.34
C THR A 43 7.40 13.02 -3.68
N HIS A 44 7.72 13.64 -2.57
CA HIS A 44 6.74 14.33 -1.78
C HIS A 44 7.50 15.51 -1.26
N GLU A 45 6.81 16.46 -0.68
CA GLU A 45 7.48 17.65 -0.25
C GLU A 45 6.61 18.35 0.73
N ASP A 46 7.20 18.72 1.86
CA ASP A 46 6.48 19.36 2.93
C ASP A 46 5.52 18.41 3.62
N CYS A 47 5.66 17.12 3.32
CA CYS A 47 4.87 16.10 4.00
C CYS A 47 5.51 15.70 5.33
N THR A 48 4.77 15.93 6.41
CA THR A 48 5.25 15.63 7.76
C THR A 48 5.23 14.13 8.10
N PRO A 49 4.12 13.43 7.77
CA PRO A 49 4.22 11.98 8.03
C PRO A 49 5.34 11.36 7.20
N VAL A 50 5.97 10.32 7.73
CA VAL A 50 7.16 9.76 7.10
C VAL A 50 6.95 8.39 6.48
N PHE A 51 7.41 8.24 5.24
CA PHE A 51 7.24 6.98 4.53
C PHE A 51 8.26 5.99 5.05
N ILE A 52 7.81 4.80 5.42
CA ILE A 52 8.72 3.85 6.01
C ILE A 52 8.83 2.58 5.22
N GLY A 53 8.03 2.48 4.16
CA GLY A 53 8.18 1.34 3.29
C GLY A 53 7.22 1.33 2.14
N ASP A 54 7.39 0.33 1.29
CA ASP A 54 6.60 0.14 0.08
C ASP A 54 6.35 -1.36 -0.12
N TYR A 55 5.55 -1.70 -1.13
CA TYR A 55 5.25 -3.12 -1.36
C TYR A 55 4.92 -3.36 -2.81
N TYR A 56 4.92 -4.64 -3.18
CA TYR A 56 4.68 -5.02 -4.54
C TYR A 56 4.42 -6.53 -4.62
N SER A 57 3.26 -6.88 -5.12
CA SER A 57 2.86 -8.27 -5.14
C SER A 57 2.06 -8.47 -6.41
N VAL A 58 2.30 -9.58 -7.09
CA VAL A 58 1.53 -9.84 -8.29
C VAL A 58 0.90 -11.25 -8.30
N VAL A 59 -0.31 -11.32 -8.85
CA VAL A 59 -0.98 -12.60 -9.04
C VAL A 59 -1.47 -12.65 -10.47
N ASP A 60 -0.79 -13.47 -11.26
CA ASP A 60 -0.98 -13.51 -12.69
C ASP A 60 -0.30 -12.32 -13.32
N LYS A 61 -1.07 -11.51 -14.01
CA LYS A 61 -0.54 -10.26 -14.50
C LYS A 61 -1.24 -9.13 -13.76
N LEU A 62 -1.74 -9.44 -12.56
CA LEU A 62 -2.37 -8.43 -11.72
C LEU A 62 -1.50 -8.10 -10.52
N ALA A 63 -1.18 -6.82 -10.36
CA ALA A 63 -0.29 -6.38 -9.29
C ALA A 63 -0.85 -5.21 -8.48
N THR A 64 -0.51 -5.21 -7.20
CA THR A 64 -0.76 -4.07 -6.34
C THR A 64 0.61 -3.71 -5.76
N SER A 65 0.73 -2.47 -5.28
CA SER A 65 2.00 -1.96 -4.82
C SER A 65 1.72 -0.59 -4.22
N GLY A 66 2.68 -0.04 -3.47
CA GLY A 66 2.49 1.28 -2.94
C GLY A 66 3.47 1.66 -1.87
N PHE A 67 3.19 2.80 -1.23
CA PHE A 67 4.07 3.36 -0.23
C PHE A 67 3.24 3.75 0.97
N PHE A 68 3.85 3.68 2.15
CA PHE A 68 3.12 4.00 3.37
C PHE A 68 4.01 4.68 4.41
N THR A 69 3.40 5.56 5.19
CA THR A 69 4.02 6.15 6.36
C THR A 69 3.48 5.39 7.55
N ASN A 70 4.10 5.55 8.71
CA ASN A 70 3.37 5.23 9.95
C ASN A 70 2.38 6.36 10.27
N ASP A 71 1.84 6.38 11.49
CA ASP A 71 0.89 7.44 11.85
C ASP A 71 1.31 8.19 13.10
N LYS A 72 2.61 8.24 13.35
CA LYS A 72 3.11 8.74 14.62
C LYS A 72 3.16 10.28 14.68
N VAL A 73 3.03 10.94 13.54
CA VAL A 73 3.15 12.40 13.46
C VAL A 73 2.11 13.01 12.51
N HIS A 74 1.50 14.11 12.95
CA HIS A 74 0.55 14.87 12.12
C HIS A 74 1.20 15.81 11.10
N GLN A 75 0.47 16.09 10.03
CA GLN A 75 0.91 17.05 9.03
C GLN A 75 0.96 18.45 9.61
N ASP A 76 2.10 19.12 9.43
CA ASP A 76 2.17 20.54 9.72
C ASP A 76 1.18 21.31 8.83
N LEU A 77 0.27 22.03 9.48
CA LEU A 77 -0.82 22.67 8.76
C LEU A 77 -0.44 24.04 8.25
N THR A 78 0.80 24.43 8.52
CA THR A 78 1.34 25.68 8.02
C THR A 78 2.06 25.50 6.66
N THR A 79 2.35 24.26 6.28
CA THR A 79 2.85 23.94 4.94
C THR A 79 1.91 22.98 4.24
N GLN A 80 2.02 22.88 2.92
CA GLN A 80 1.14 21.99 2.20
C GLN A 80 1.82 20.73 1.65
N CYS A 81 1.45 19.58 2.20
CA CYS A 81 1.94 18.31 1.72
C CYS A 81 1.72 18.21 0.21
N LYS A 82 2.76 17.78 -0.50
CA LYS A 82 2.71 17.61 -1.96
C LYS A 82 3.22 16.22 -2.39
N ILE A 83 2.38 15.48 -3.11
CA ILE A 83 2.74 14.12 -3.51
C ILE A 83 2.87 14.03 -5.02
N ASN A 84 4.05 13.63 -5.50
CA ASN A 84 4.28 13.38 -6.91
C ASN A 84 4.55 11.93 -7.14
N LEU A 85 3.75 11.36 -8.02
CA LEU A 85 3.91 9.98 -8.35
C LEU A 85 4.07 9.81 -9.85
N GLU A 86 5.14 9.14 -10.25
CA GLU A 86 5.37 8.84 -11.64
C GLU A 86 5.34 7.33 -11.87
N ILE A 87 4.63 6.93 -12.90
CA ILE A 87 4.61 5.52 -13.25
C ILE A 87 5.17 5.37 -14.68
N LYS A 88 6.35 4.79 -14.75
CA LYS A 88 7.11 4.79 -16.00
C LYS A 88 7.26 3.37 -16.52
N CYS A 89 6.95 3.19 -17.79
CA CYS A 89 7.24 1.94 -18.49
C CYS A 89 8.67 2.05 -18.98
N ASN A 90 9.42 0.96 -18.87
CA ASN A 90 10.79 0.98 -19.33
C ASN A 90 10.81 1.01 -20.87
N SER A 91 9.63 0.75 -21.45
CA SER A 91 9.39 0.92 -22.88
C SER A 91 8.44 2.09 -23.13
N GLY A 92 8.93 3.32 -22.98
CA GLY A 92 8.04 4.46 -23.02
C GLY A 92 8.63 5.73 -23.62
N ARG A 93 7.76 6.71 -23.80
CA ARG A 93 8.12 7.99 -24.39
C ARG A 93 7.16 9.08 -23.92
N GLU A 94 5.90 8.97 -24.30
CA GLU A 94 4.91 9.98 -23.94
C GLU A 94 4.52 10.05 -22.46
N SER A 95 4.61 11.26 -21.92
CA SER A 95 4.55 11.48 -20.48
C SER A 95 3.41 12.39 -20.08
N ARG A 96 2.18 11.89 -20.13
CA ARG A 96 1.05 12.68 -19.68
C ARG A 96 0.79 12.45 -18.19
N GLN A 97 0.15 13.43 -17.55
CA GLN A 97 -0.23 13.30 -16.15
C GLN A 97 -1.65 12.74 -16.08
N LEU A 98 -2.28 12.77 -14.91
CA LEU A 98 -3.55 12.09 -14.73
C LEU A 98 -4.61 12.92 -14.02
N THR A 99 -5.86 12.58 -14.28
CA THR A 99 -6.95 13.28 -13.66
C THR A 99 -7.75 12.34 -12.76
N PRO A 100 -7.97 12.78 -11.51
CA PRO A 100 -8.62 11.97 -10.48
C PRO A 100 -10.12 12.08 -10.60
N THR A 101 -10.84 11.20 -9.91
CA THR A 101 -12.27 11.37 -9.75
C THR A 101 -12.48 12.63 -8.92
N THR A 102 -13.38 13.47 -9.40
CA THR A 102 -13.68 14.73 -8.75
C THR A 102 -14.48 14.48 -7.47
N LYS A 103 -14.39 15.43 -6.55
CA LYS A 103 -14.67 15.13 -5.16
C LYS A 103 -14.16 16.27 -4.30
N VAL A 104 -14.72 16.39 -3.09
CA VAL A 104 -14.28 17.39 -2.12
C VAL A 104 -13.42 16.73 -1.02
N TYR A 105 -12.46 17.48 -0.49
CA TYR A 105 -11.53 16.92 0.49
C TYR A 105 -11.54 17.74 1.79
N LEU A 106 -11.37 17.08 2.93
CA LEU A 106 -11.43 17.76 4.23
C LEU A 106 -10.03 18.16 4.75
N MET A 107 -9.01 17.70 4.05
CA MET A 107 -7.62 17.96 4.42
C MET A 107 -6.87 18.65 3.28
N PRO A 108 -5.79 19.36 3.61
CA PRO A 108 -5.02 20.06 2.59
C PRO A 108 -3.89 19.19 2.03
N HIS A 109 -3.83 19.14 0.70
CA HIS A 109 -2.75 18.44 0.05
C HIS A 109 -2.86 18.66 -1.44
N SER A 110 -1.76 18.40 -2.13
CA SER A 110 -1.75 18.40 -3.58
C SER A 110 -1.08 17.13 -4.05
N GLU A 111 -1.50 16.68 -5.22
CA GLU A 111 -0.97 15.45 -5.73
C GLU A 111 -0.88 15.55 -7.24
N THR A 112 0.08 14.82 -7.80
CA THR A 112 0.24 14.74 -9.23
C THR A 112 0.62 13.34 -9.57
N VAL A 113 -0.09 12.74 -10.51
CA VAL A 113 0.28 11.43 -11.02
C VAL A 113 0.64 11.52 -12.50
N THR A 114 1.89 11.19 -12.81
CA THR A 114 2.34 11.17 -14.20
C THR A 114 2.50 9.75 -14.69
N VAL A 115 2.13 9.53 -15.93
CA VAL A 115 2.29 8.22 -16.54
C VAL A 115 3.16 8.32 -17.78
N VAL A 116 4.14 7.42 -17.86
CA VAL A 116 4.97 7.33 -19.05
C VAL A 116 4.82 5.96 -19.65
N GLY A 117 4.46 5.92 -20.93
CA GLY A 117 4.29 4.66 -21.62
C GLY A 117 2.83 4.29 -21.82
N ASP A 118 2.58 3.15 -22.46
CA ASP A 118 1.23 2.72 -22.81
C ASP A 118 0.99 1.26 -22.40
N CYS A 119 1.88 0.75 -21.56
CA CYS A 119 1.91 -0.69 -21.27
C CYS A 119 0.83 -1.21 -20.31
N LEU A 120 0.01 -0.33 -19.76
CA LEU A 120 -1.09 -0.81 -18.91
C LEU A 120 -2.47 -0.54 -19.48
N SER A 121 -3.22 -1.63 -19.67
CA SER A 121 -4.62 -1.54 -20.04
C SER A 121 -5.40 -0.97 -18.87
N ASN A 122 -5.01 -1.39 -17.67
CA ASN A 122 -5.70 -0.99 -16.45
C ASN A 122 -4.77 -0.36 -15.44
N LEU A 123 -5.17 0.76 -14.88
CA LEU A 123 -4.39 1.42 -13.84
C LEU A 123 -5.26 2.21 -12.83
N ASP A 124 -5.19 1.82 -11.56
CA ASP A 124 -5.82 2.59 -10.50
C ASP A 124 -4.74 3.13 -9.57
N VAL A 125 -4.93 4.36 -9.10
CA VAL A 125 -3.98 4.97 -8.18
C VAL A 125 -4.72 5.68 -7.05
N TYR A 126 -4.50 5.21 -5.82
CA TYR A 126 -5.15 5.82 -4.67
C TYR A 126 -4.14 6.47 -3.72
N ILE A 127 -4.40 7.72 -3.34
CA ILE A 127 -3.61 8.39 -2.33
C ILE A 127 -4.47 8.62 -1.10
N VAL A 128 -4.06 8.06 0.03
CA VAL A 128 -4.94 8.11 1.19
C VAL A 128 -4.33 8.91 2.32
N TYR A 129 -4.95 10.07 2.59
CA TYR A 129 -4.54 10.89 3.70
C TYR A 129 -5.50 10.59 4.82
N ALA A 130 -4.96 10.12 5.94
CA ALA A 130 -5.79 9.58 7.00
C ALA A 130 -5.45 10.15 8.37
N ASN A 131 -6.50 10.43 9.12
CA ASN A 131 -6.33 10.90 10.48
C ASN A 131 -6.74 9.80 11.44
N THR A 132 -5.75 9.03 11.89
CA THR A 132 -6.02 7.88 12.72
C THR A 132 -6.41 8.28 14.15
N ASP A 133 -6.49 9.58 14.42
CA ASP A 133 -7.02 10.02 15.70
C ASP A 133 -8.53 10.27 15.66
N ALA A 134 -9.19 9.78 14.61
CA ALA A 134 -10.63 9.91 14.49
C ALA A 134 -11.33 8.68 15.07
N ILE A 135 -12.49 8.91 15.70
CA ILE A 135 -13.38 7.84 16.16
C ILE A 135 -13.98 7.12 14.95
N TYR A 136 -14.59 7.86 14.03
CA TYR A 136 -15.01 7.28 12.76
C TYR A 136 -13.95 7.48 11.68
N SER A 137 -14.10 6.70 10.61
CA SER A 137 -13.19 6.73 9.47
C SER A 137 -13.04 8.14 8.92
N ASP A 138 -11.80 8.62 8.92
CA ASP A 138 -11.48 9.99 8.54
C ASP A 138 -10.37 10.01 7.51
N MET A 139 -10.73 9.72 6.26
CA MET A 139 -9.74 9.65 5.20
C MET A 139 -10.14 10.46 3.99
N ASP A 140 -9.21 11.29 3.51
CA ASP A 140 -9.31 11.86 2.18
C ASP A 140 -8.73 10.83 1.23
N VAL A 141 -9.48 10.51 0.19
CA VAL A 141 -9.01 9.55 -0.79
C VAL A 141 -9.04 10.15 -2.18
N VAL A 142 -7.85 10.38 -2.75
CA VAL A 142 -7.69 10.91 -4.10
C VAL A 142 -7.47 9.73 -5.04
N ALA A 143 -8.41 9.53 -5.97
CA ALA A 143 -8.44 8.31 -6.79
C ALA A 143 -8.28 8.60 -8.29
N TYR A 144 -7.43 7.81 -8.95
CA TYR A 144 -7.25 7.93 -10.40
C TYR A 144 -7.52 6.58 -11.01
N HIS A 145 -8.17 6.58 -12.18
CA HIS A 145 -8.41 5.35 -12.93
C HIS A 145 -8.14 5.62 -14.40
N THR A 146 -7.62 4.64 -15.13
CA THR A 146 -7.35 4.82 -16.56
C THR A 146 -8.24 3.90 -17.38
N SER A 147 -9.12 3.19 -16.68
CA SER A 147 -10.03 2.23 -17.31
C SER A 147 -10.89 1.62 -16.22
N TYR A 148 -10.93 0.30 -16.21
CA TYR A 148 -11.73 -0.40 -15.21
C TYR A 148 -10.98 -0.55 -13.88
N ILE A 149 -11.72 -0.40 -12.78
CA ILE A 149 -11.18 -0.46 -11.44
C ILE A 149 -10.86 -1.89 -11.02
N LEU A 150 -9.57 -2.19 -10.83
CA LEU A 150 -9.15 -3.56 -10.52
C LEU A 150 -9.42 -3.95 -9.05
N ASN A 151 -9.75 -5.23 -8.84
CA ASN A 151 -9.87 -5.75 -7.48
C ASN A 151 -8.60 -6.47 -7.05
N VAL A 152 -8.03 -6.02 -5.95
CA VAL A 152 -6.76 -6.55 -5.51
C VAL A 152 -6.86 -7.08 -4.08
N ASP A 153 -8.08 -7.11 -3.55
CA ASP A 153 -8.30 -7.86 -2.33
C ASP A 153 -7.78 -9.21 -2.70
N HIS A 154 -7.21 -9.92 -1.74
CA HIS A 154 -6.70 -11.25 -2.04
C HIS A 154 -5.28 -11.21 -2.56
N ILE A 155 -4.80 -10.04 -2.97
CA ILE A 155 -3.38 -9.88 -3.21
C ILE A 155 -2.74 -9.20 -2.01
N PRO A 156 -1.81 -9.90 -1.34
CA PRO A 156 -1.17 -9.42 -0.13
C PRO A 156 -0.06 -8.45 -0.49
N PRO A 157 0.13 -7.40 0.32
CA PRO A 157 1.10 -6.34 0.08
C PRO A 157 2.51 -6.79 0.48
N ASN A 158 3.12 -7.67 -0.30
CA ASN A 158 4.40 -8.24 0.07
C ASN A 158 5.55 -7.26 -0.20
N ASP A 159 6.56 -7.24 0.65
CA ASP A 159 7.72 -6.43 0.30
C ASP A 159 8.45 -7.01 -0.90
N CYS A 160 9.41 -6.22 -1.41
CA CYS A 160 10.13 -6.49 -2.66
C CYS A 160 11.21 -7.55 -2.53
N GLU A 161 11.41 -8.30 -3.62
CA GLU A 161 12.26 -9.48 -3.58
C GLU A 161 12.37 -10.12 -4.98
N CYS B 12 -16.61 -20.56 8.25
CA CYS B 12 -15.21 -20.16 8.08
C CYS B 12 -15.04 -19.01 7.08
N ASN B 13 -14.80 -17.80 7.58
CA ASN B 13 -14.69 -16.63 6.70
C ASN B 13 -13.48 -16.71 5.79
N ILE B 14 -12.64 -17.71 6.05
CA ILE B 14 -11.41 -17.83 5.29
C ILE B 14 -10.81 -19.21 5.49
N THR B 15 -10.29 -19.72 4.39
CA THR B 15 -9.73 -21.05 4.38
C THR B 15 -8.34 -20.90 3.81
N CYS B 16 -7.36 -21.45 4.50
CA CYS B 16 -5.98 -21.15 4.18
C CYS B 16 -5.39 -22.05 3.08
N SER B 17 -5.35 -21.51 1.86
CA SER B 17 -4.76 -22.20 0.71
C SER B 17 -3.27 -21.88 0.62
N LYS B 18 -2.90 -20.94 -0.25
CA LYS B 18 -1.52 -20.44 -0.27
C LYS B 18 -1.25 -19.67 1.00
N MET B 19 0.00 -19.66 1.43
CA MET B 19 0.37 -18.84 2.56
C MET B 19 0.91 -17.56 1.96
N THR B 20 0.93 -16.49 2.75
CA THR B 20 1.42 -15.21 2.25
C THR B 20 2.89 -15.08 2.56
N SER B 21 3.67 -14.51 1.63
CA SER B 21 5.06 -14.22 1.92
C SER B 21 5.15 -12.89 2.65
N LYS B 22 6.36 -12.52 3.05
CA LYS B 22 6.60 -11.36 3.90
C LYS B 22 5.74 -10.14 3.56
N ILE B 23 5.03 -9.67 4.56
CA ILE B 23 4.31 -8.42 4.48
C ILE B 23 4.95 -7.53 5.55
N PRO B 24 5.29 -6.28 5.18
CA PRO B 24 5.82 -5.21 6.02
C PRO B 24 5.06 -5.12 7.33
N VAL B 25 5.77 -5.29 8.43
CA VAL B 25 5.08 -5.37 9.71
C VAL B 25 4.24 -4.12 9.98
N ALA B 26 4.68 -3.00 9.41
CA ALA B 26 3.95 -1.74 9.52
C ALA B 26 2.56 -1.78 8.86
N LEU B 27 2.31 -2.74 7.97
CA LEU B 27 1.02 -2.80 7.30
C LEU B 27 0.02 -3.67 8.04
N LEU B 28 0.51 -4.35 9.06
CA LEU B 28 -0.29 -5.34 9.78
C LEU B 28 -0.93 -4.74 11.01
N ILE B 29 -2.18 -5.12 11.28
CA ILE B 29 -2.89 -4.51 12.40
C ILE B 29 -3.46 -5.49 13.42
N HIS B 30 -3.57 -6.76 13.06
CA HIS B 30 -4.14 -7.78 13.93
C HIS B 30 -3.71 -9.13 13.41
N TYR B 31 -3.60 -10.11 14.30
CA TYR B 31 -3.48 -11.49 13.86
C TYR B 31 -4.34 -12.35 14.74
N GLN B 32 -4.65 -13.53 14.22
CA GLN B 32 -5.55 -14.41 14.91
C GLN B 32 -5.20 -15.83 14.57
N GLN B 33 -5.31 -16.70 15.57
CA GLN B 33 -5.27 -18.12 15.31
C GLN B 33 -6.45 -18.54 14.45
N ASN B 34 -6.16 -19.27 13.38
CA ASN B 34 -7.20 -19.77 12.48
C ASN B 34 -7.80 -21.06 13.02
N GLN B 35 -9.13 -21.16 12.94
CA GLN B 35 -9.83 -22.38 13.34
C GLN B 35 -9.22 -23.64 12.72
N ALA B 36 -9.04 -24.67 13.54
CA ALA B 36 -8.66 -25.99 13.04
C ALA B 36 -9.65 -26.41 11.96
N SER B 37 -10.92 -26.12 12.23
CA SER B 37 -12.00 -26.41 11.29
C SER B 37 -11.84 -25.64 9.98
N CYS B 38 -11.42 -24.38 10.07
CA CYS B 38 -11.31 -23.52 8.89
C CYS B 38 -10.47 -24.14 7.78
N GLY B 39 -9.15 -24.08 7.91
CA GLY B 39 -8.28 -24.68 6.91
C GLY B 39 -7.01 -25.25 7.51
N LYS B 40 -5.88 -24.91 6.90
CA LYS B 40 -4.55 -25.17 7.47
C LYS B 40 -4.49 -24.51 8.85
N ARG B 41 -3.95 -25.22 9.83
CA ARG B 41 -3.81 -24.63 11.16
C ARG B 41 -2.66 -23.64 11.12
N ALA B 42 -2.97 -22.42 10.66
CA ALA B 42 -1.99 -21.37 10.48
C ALA B 42 -2.54 -20.07 11.06
N ILE B 43 -1.79 -18.98 10.88
CA ILE B 43 -2.14 -17.67 11.43
C ILE B 43 -2.85 -16.77 10.42
N ILE B 44 -3.88 -16.06 10.85
CA ILE B 44 -4.53 -15.06 10.00
C ILE B 44 -3.99 -13.65 10.23
N LEU B 45 -3.61 -12.99 9.14
CA LEU B 45 -3.07 -11.63 9.24
C LEU B 45 -4.03 -10.60 8.70
N GLU B 46 -4.20 -9.52 9.43
CA GLU B 46 -5.01 -8.41 8.95
C GLU B 46 -4.18 -7.16 8.59
N THR B 47 -4.45 -6.60 7.41
CA THR B 47 -3.71 -5.45 6.91
C THR B 47 -4.48 -4.14 7.10
N ARG B 48 -3.77 -3.03 6.91
CA ARG B 48 -4.41 -1.72 7.02
C ARG B 48 -5.55 -1.62 6.03
N GLN B 49 -5.38 -2.23 4.86
CA GLN B 49 -6.43 -2.20 3.84
C GLN B 49 -7.66 -3.03 4.16
N HIS B 50 -7.80 -3.49 5.40
CA HIS B 50 -8.95 -4.33 5.73
C HIS B 50 -8.91 -5.57 4.80
N ARG B 51 -7.85 -6.38 4.94
CA ARG B 51 -7.73 -7.60 4.18
C ARG B 51 -7.07 -8.68 5.00
N LEU B 52 -7.36 -9.93 4.66
CA LEU B 52 -6.91 -11.09 5.45
C LEU B 52 -6.11 -12.03 4.59
N PHE B 53 -5.04 -12.55 5.19
CA PHE B 53 -4.18 -13.48 4.49
C PHE B 53 -3.67 -14.48 5.50
N CYS B 54 -3.39 -15.69 5.02
CA CYS B 54 -2.94 -16.78 5.85
C CYS B 54 -1.43 -16.84 5.82
N ALA B 55 -0.83 -16.85 7.01
CA ALA B 55 0.61 -16.93 7.14
C ALA B 55 0.96 -18.23 7.85
N ASP B 56 2.24 -18.58 7.79
CA ASP B 56 2.80 -19.79 8.38
C ASP B 56 3.65 -19.44 9.61
N PRO B 57 3.19 -19.82 10.81
CA PRO B 57 3.84 -19.46 12.09
C PRO B 57 5.33 -19.86 12.29
N LYS B 58 5.87 -20.79 11.50
CA LYS B 58 7.25 -21.26 11.68
C LYS B 58 8.30 -20.25 11.19
N GLU B 59 7.93 -19.47 10.19
CA GLU B 59 8.83 -18.46 9.64
C GLU B 59 9.11 -17.38 10.67
N GLN B 60 10.38 -17.01 10.81
CA GLN B 60 10.76 -15.93 11.72
C GLN B 60 9.92 -14.68 11.47
N TRP B 61 9.80 -14.32 10.20
CA TRP B 61 9.10 -13.08 9.90
C TRP B 61 7.72 -13.05 10.54
N VAL B 62 6.97 -14.15 10.41
CA VAL B 62 5.65 -14.19 11.01
C VAL B 62 5.76 -14.12 12.52
N LYS B 63 6.71 -14.87 13.08
CA LYS B 63 6.97 -14.83 14.54
C LYS B 63 7.18 -13.39 15.07
N ASP B 64 7.99 -12.61 14.36
CA ASP B 64 8.33 -11.24 14.77
C ASP B 64 7.15 -10.30 14.64
N ALA B 65 6.48 -10.42 13.50
CA ALA B 65 5.17 -9.82 13.27
C ALA B 65 4.24 -9.98 14.49
N MET B 66 4.12 -11.23 14.96
CA MET B 66 3.28 -11.58 16.10
C MET B 66 3.77 -10.93 17.38
N GLN B 67 5.06 -11.02 17.67
CA GLN B 67 5.60 -10.36 18.86
C GLN B 67 5.41 -8.84 18.73
N HIS B 68 5.37 -8.33 17.51
CA HIS B 68 5.15 -6.90 17.31
C HIS B 68 3.71 -6.47 17.59
N LEU B 69 2.76 -7.22 17.05
CA LEU B 69 1.37 -6.85 17.26
C LEU B 69 1.02 -7.07 18.71
N ASP B 70 1.59 -8.11 19.31
CA ASP B 70 1.46 -8.39 20.74
C ASP B 70 1.91 -7.18 21.54
N ARG B 71 3.04 -6.62 21.11
CA ARG B 71 3.60 -5.44 21.73
C ARG B 71 2.64 -4.25 21.60
N GLN B 72 2.01 -4.09 20.43
CA GLN B 72 1.05 -3.02 20.21
C GLN B 72 -0.23 -3.16 21.03
N ALA B 73 -0.74 -4.39 21.13
CA ALA B 73 -2.00 -4.65 21.86
C ALA B 73 -1.86 -4.31 23.34
N ALA B 74 -0.81 -4.81 23.98
CA ALA B 74 -0.37 -4.21 25.22
C ALA B 74 0.02 -2.81 24.79
N ALA B 75 0.04 -1.84 25.70
CA ALA B 75 0.30 -0.46 25.31
C ALA B 75 -1.03 0.23 24.99
N LEU B 76 -1.78 -0.36 24.06
CA LEU B 76 -3.20 -0.05 23.94
C LEU B 76 -3.90 -0.35 25.28
N THR B 77 -3.12 -0.78 26.27
CA THR B 77 -3.61 -1.03 27.62
C THR B 77 -2.50 -0.82 28.66
#